data_8WRP
#
_entry.id   8WRP
#
_cell.length_a   1.00
_cell.length_b   1.00
_cell.length_c   1.00
_cell.angle_alpha   90.00
_cell.angle_beta   90.00
_cell.angle_gamma   90.00
#
_symmetry.space_group_name_H-M   'P 1'
#
loop_
_entity.id
_entity.type
_entity.pdbx_description
1 polymer 'RNA (39-MER)'
2 polymer 'DNA (28-MER)'
3 polymer "DNA (5'-D(P*TP*GP*GP*CP*CP*AP*AP*TP*TP*C)-3')"
4 polymer Cas12-1
#
loop_
_entity_poly.entity_id
_entity_poly.type
_entity_poly.pdbx_seq_one_letter_code
_entity_poly.pdbx_strand_id
1 'polyribonucleotide' CCGUCAACGUUCAACGCUUGCUCGGUUCGCCGAGACUCCCCUACGUGCUGCUGAAG B
2 'polydeoxyribonucleotide'
;(DC)(DT)(DG)(DC)(DC)(DC)(DT)(DT)(DG)(DC)(DA)(DA)(DC)(DT)(DT)(DC)(DA)(DG)(DC)(DA)
(DG)(DC)(DA)(DC)(DG)(DT)(DA)(DG)(DG)(DG)(DG)(DA)(DG)(DA)(DA)(DT)(DT)(DG)(DG)(DC)
(DC)(DA)
;
C
3 'polydeoxyribonucleotide'
;(DT)(DG)(DG)(DC)(DC)(DA)(DA)(DT)(DT)(DC)(DT)(DC)(DC)(DC)(DC)(DT)(DA)(DC)(DG)(DT)
(DG)(DC)(DT)(DG)(DC)(DT)(DG)(DA)(DA)(DG)(DT)(DT)(DG)(DC)(DA)(DA)(DG)(DG)(DG)(DC)
(DA)(DG)
;
D
4 'polypeptide(L)'
;MTPKTETPVGALIKKFFPGKRFQKNYLKDAGKKLKREGEAAAVEYLSGKQEDHPANFCPPAKVNILAQSRPLSEWPINLV
SKGVQEYVYGLTAAEREANGDFGTSRKSLDRWFARTGVPTHGYTTVQGLNLILRHTFNRYDGVIKKVETRNEKRRSKATR
INVSREADGLPPIEAEPEETAFGPDGKLKERPGINPSIYCYQQVSPVPYNPAKHPALPFSGVDPGAPLPLGTPNRLSIPK
GQPGYVPEWQRPHLSTKNKRIRKWYARANWRRKPGRKSVLDEAKLKEAALKEAIPIIVTIGKDWIVMDARGLLRAVYWRG
IAKPGLSLKELLGFFSGDPVLDPKRGIATFTFKLGAVAVHSRKPTRGKKSKELLLSMTAEKPHVGLVAIDLGQTNPVAAE
FSRVKREGETLQAEPLGQIVLPDDLVKDLTRYRRAWDATEEQIKAEAIVQLPEECRAEVVKVNQMSAEETKHLILDRGVS
GDLPWEKMTSNTTFISDHLLAKGVTDQVFFEKKSKGKKKGTETVKRKDYGWVKLLRPRLSQETRKAVNDKTWELKRASTE
YVRLSRRKTELARRCVNYIVRETKRWTQCEDIAIVIEDLNVRFFHGSGERPDGWDNFFISKRENRWFIQVLHKAFSDLAL
HRGLPVIEANPARTSITCIRCGHCDRNNRHGEMFLCLSCNDLRHADREIATRNLTRVAVTGEMIPRRIEPGEQSGDTKKA
RSARKGKKAVISKREAA
;
A
#
loop_
_chem_comp.id
_chem_comp.type
_chem_comp.name
_chem_comp.formula
A RNA linking ADENOSINE-5'-MONOPHOSPHATE 'C10 H14 N5 O7 P'
C RNA linking CYTIDINE-5'-MONOPHOSPHATE 'C9 H14 N3 O8 P'
DA DNA linking 2'-DEOXYADENOSINE-5'-MONOPHOSPHATE 'C10 H14 N5 O6 P'
DC DNA linking 2'-DEOXYCYTIDINE-5'-MONOPHOSPHATE 'C9 H14 N3 O7 P'
DG DNA linking 2'-DEOXYGUANOSINE-5'-MONOPHOSPHATE 'C10 H14 N5 O7 P'
DT DNA linking THYMIDINE-5'-MONOPHOSPHATE 'C10 H15 N2 O8 P'
G RNA linking GUANOSINE-5'-MONOPHOSPHATE 'C10 H14 N5 O8 P'
U RNA linking URIDINE-5'-MONOPHOSPHATE 'C9 H13 N2 O9 P'
#
# COMPACT_ATOMS: atom_id res chain seq x y z
N PRO D 54 -9.70 13.78 21.21
CA PRO D 54 -9.48 14.73 20.12
C PRO D 54 -9.31 14.04 18.76
N ALA D 55 -10.38 13.98 17.97
CA ALA D 55 -10.31 13.35 16.66
C ALA D 55 -9.27 14.05 15.80
N ASN D 56 -8.41 13.25 15.15
CA ASN D 56 -7.30 13.82 14.40
C ASN D 56 -7.05 13.15 13.04
N PHE D 57 -7.92 12.25 12.60
CA PHE D 57 -7.74 11.56 11.34
C PHE D 57 -8.70 12.10 10.29
N CYS D 58 -8.21 12.24 9.07
CA CYS D 58 -8.98 12.82 7.96
C CYS D 58 -8.86 11.90 6.76
N PRO D 59 -9.70 10.87 6.68
CA PRO D 59 -9.62 9.92 5.57
C PRO D 59 -10.12 10.53 4.27
N PRO D 60 -9.80 9.95 3.13
CA PRO D 60 -10.19 10.54 1.84
C PRO D 60 -11.56 10.08 1.36
N ALA D 61 -12.04 10.80 0.33
CA ALA D 61 -13.23 10.43 -0.42
C ALA D 61 -13.04 10.90 -1.85
N LYS D 62 -13.25 9.99 -2.80
CA LYS D 62 -12.96 10.25 -4.20
C LYS D 62 -14.25 10.37 -5.00
N VAL D 63 -14.28 11.37 -5.89
CA VAL D 63 -15.42 11.61 -6.76
C VAL D 63 -14.91 11.74 -8.19
N ASN D 64 -15.83 11.51 -9.14
CA ASN D 64 -15.53 11.54 -10.56
C ASN D 64 -15.81 12.93 -11.12
N ILE D 65 -15.11 13.27 -12.20
CA ILE D 65 -15.30 14.53 -12.89
C ILE D 65 -16.18 14.28 -14.11
N LEU D 66 -17.26 15.06 -14.23
CA LEU D 66 -18.23 14.87 -15.29
C LEU D 66 -17.99 15.75 -16.50
N ALA D 67 -17.69 17.04 -16.31
CA ALA D 67 -17.50 17.94 -17.42
C ALA D 67 -16.41 18.95 -17.10
N GLN D 68 -15.60 19.27 -18.12
CA GLN D 68 -14.49 20.20 -17.99
C GLN D 68 -14.59 21.25 -19.09
N SER D 69 -14.10 22.46 -18.78
CA SER D 69 -13.96 23.48 -19.82
C SER D 69 -12.86 23.10 -20.80
N ARG D 70 -11.70 22.69 -20.28
CA ARG D 70 -10.60 22.18 -21.08
C ARG D 70 -9.75 21.29 -20.19
N PRO D 71 -8.87 20.48 -20.77
CA PRO D 71 -8.02 19.60 -19.95
C PRO D 71 -7.27 20.37 -18.88
N LEU D 72 -7.13 19.74 -17.71
CA LEU D 72 -6.53 20.41 -16.57
C LEU D 72 -5.08 20.80 -16.83
N SER D 73 -4.40 20.09 -17.72
CA SER D 73 -3.01 20.40 -18.04
C SER D 73 -2.85 21.74 -18.74
N GLU D 74 -3.92 22.31 -19.28
CA GLU D 74 -3.86 23.58 -19.97
C GLU D 74 -4.25 24.76 -19.09
N TRP D 75 -4.55 24.51 -17.82
CA TRP D 75 -4.93 25.60 -16.93
C TRP D 75 -3.70 26.40 -16.51
N PRO D 76 -3.86 27.70 -16.26
CA PRO D 76 -2.72 28.51 -15.80
C PRO D 76 -2.14 28.04 -14.47
N ILE D 77 -2.95 27.51 -13.56
CA ILE D 77 -2.43 27.09 -12.26
C ILE D 77 -1.48 25.90 -12.42
N ASN D 78 -1.84 24.94 -13.28
CA ASN D 78 -0.95 23.82 -13.56
C ASN D 78 0.36 24.29 -14.19
N LEU D 79 0.27 25.23 -15.14
CA LEU D 79 1.46 25.72 -15.82
C LEU D 79 2.38 26.47 -14.87
N VAL D 80 1.82 27.31 -13.99
CA VAL D 80 2.66 28.05 -13.05
C VAL D 80 3.29 27.09 -12.04
N SER D 81 2.54 26.06 -11.62
CA SER D 81 3.13 25.08 -10.71
C SER D 81 4.29 24.35 -11.38
N LYS D 82 4.09 23.91 -12.62
CA LYS D 82 5.14 23.21 -13.33
C LYS D 82 6.37 24.08 -13.51
N GLY D 83 6.17 25.35 -13.88
CA GLY D 83 7.30 26.25 -14.06
C GLY D 83 8.05 26.52 -12.77
N VAL D 84 7.32 26.76 -11.68
CA VAL D 84 7.96 27.02 -10.40
C VAL D 84 8.77 25.81 -9.96
N GLN D 85 8.22 24.61 -10.13
CA GLN D 85 8.94 23.41 -9.74
C GLN D 85 10.19 23.20 -10.59
N GLU D 86 10.08 23.39 -11.92
CA GLU D 86 11.25 23.25 -12.78
C GLU D 86 12.33 24.26 -12.40
N TYR D 87 11.93 25.47 -12.02
CA TYR D 87 12.91 26.46 -11.59
C TYR D 87 13.60 26.05 -10.31
N VAL D 88 12.83 25.66 -9.30
CA VAL D 88 13.40 25.42 -7.97
C VAL D 88 14.26 24.16 -7.97
N TYR D 89 13.82 23.11 -8.64
CA TYR D 89 14.58 21.86 -8.60
C TYR D 89 15.87 21.93 -9.42
N GLY D 90 16.06 22.98 -10.21
CA GLY D 90 17.25 23.10 -11.02
C GLY D 90 18.17 24.23 -10.62
N LEU D 91 18.37 24.41 -9.32
CA LEU D 91 19.21 25.48 -8.80
C LEU D 91 20.06 24.98 -7.63
N THR D 92 21.17 25.68 -7.40
CA THR D 92 22.19 25.26 -6.46
C THR D 92 21.83 25.68 -5.03
N ALA D 93 22.69 25.29 -4.09
CA ALA D 93 22.45 25.59 -2.68
C ALA D 93 22.51 27.09 -2.41
N ALA D 94 23.47 27.79 -3.03
CA ALA D 94 23.56 29.24 -2.85
C ALA D 94 22.35 29.94 -3.43
N GLU D 95 21.91 29.52 -4.62
CA GLU D 95 20.76 30.14 -5.25
C GLU D 95 19.49 29.92 -4.44
N ARG D 96 19.37 28.78 -3.74
CA ARG D 96 18.18 28.54 -2.93
C ARG D 96 18.09 29.55 -1.79
N GLU D 97 19.21 29.89 -1.17
CA GLU D 97 19.21 30.98 -0.21
C GLU D 97 18.93 32.31 -0.89
N ALA D 98 19.48 32.53 -2.09
CA ALA D 98 19.20 33.76 -2.81
C ALA D 98 17.75 33.81 -3.26
N ASN D 99 17.26 32.72 -3.86
CA ASN D 99 15.88 32.64 -4.34
C ASN D 99 14.99 31.98 -3.29
N GLY D 100 14.88 32.62 -2.13
CA GLY D 100 14.14 32.04 -1.03
C GLY D 100 13.34 33.03 -0.21
N ASP D 101 13.15 34.24 -0.74
CA ASP D 101 12.40 35.29 -0.08
C ASP D 101 11.07 35.55 -0.81
N PHE D 102 10.44 34.46 -1.27
CA PHE D 102 9.18 34.61 -1.99
C PHE D 102 8.06 35.10 -1.08
N GLY D 103 8.15 34.80 0.22
CA GLY D 103 7.21 35.33 1.17
C GLY D 103 5.81 34.77 1.01
N THR D 104 4.88 35.42 1.73
CA THR D 104 3.46 35.07 1.73
C THR D 104 2.63 36.32 1.49
N SER D 105 3.01 37.09 0.47
CA SER D 105 2.34 38.35 0.20
C SER D 105 2.42 38.66 -1.28
N ARG D 106 1.52 39.55 -1.73
CA ARG D 106 1.50 39.94 -3.13
C ARG D 106 2.79 40.68 -3.51
N LYS D 107 3.23 41.58 -2.63
CA LYS D 107 4.39 42.43 -2.93
C LYS D 107 5.70 41.63 -2.91
N SER D 108 5.67 40.42 -2.37
CA SER D 108 6.86 39.57 -2.40
C SER D 108 6.79 38.56 -3.54
N LEU D 109 5.62 37.97 -3.76
CA LEU D 109 5.46 37.01 -4.86
C LEU D 109 5.66 37.67 -6.22
N ASP D 110 5.17 38.90 -6.39
CA ASP D 110 5.37 39.56 -7.67
C ASP D 110 6.84 39.83 -7.96
N ARG D 111 7.62 40.26 -6.96
CA ARG D 111 9.04 40.47 -7.18
C ARG D 111 9.79 39.17 -7.38
N TRP D 112 9.36 38.10 -6.69
CA TRP D 112 9.98 36.80 -6.91
C TRP D 112 9.77 36.35 -8.35
N PHE D 113 8.55 36.51 -8.87
CA PHE D 113 8.32 36.17 -10.27
C PHE D 113 8.98 37.14 -11.23
N ALA D 114 9.27 38.36 -10.78
CA ALA D 114 9.93 39.33 -11.64
C ALA D 114 11.40 38.98 -11.84
N ARG D 115 12.16 38.88 -10.75
CA ARG D 115 13.61 38.72 -10.90
C ARG D 115 13.98 37.29 -11.30
N THR D 116 13.24 36.29 -10.83
CA THR D 116 13.56 34.92 -11.19
C THR D 116 13.25 34.65 -12.66
N GLY D 117 12.31 35.39 -13.22
CA GLY D 117 11.94 35.22 -14.61
C GLY D 117 10.95 34.11 -14.87
N VAL D 118 10.43 33.47 -13.85
CA VAL D 118 9.48 32.37 -14.05
C VAL D 118 8.17 32.95 -14.59
N PRO D 119 7.67 32.47 -15.73
CA PRO D 119 6.42 33.02 -16.27
C PRO D 119 5.24 32.71 -15.35
N THR D 120 4.48 33.76 -15.03
CA THR D 120 3.33 33.62 -14.16
C THR D 120 2.11 33.07 -14.89
N HIS D 121 2.12 33.06 -16.22
CA HIS D 121 1.11 32.42 -17.06
C HIS D 121 -0.28 32.99 -16.85
N GLY D 122 -0.40 34.16 -16.24
CA GLY D 122 -1.68 34.76 -15.94
C GLY D 122 -2.20 34.46 -14.55
N TYR D 123 -1.64 33.46 -13.88
CA TYR D 123 -2.01 33.13 -12.51
C TYR D 123 -1.33 34.09 -11.54
N THR D 124 -2.13 34.86 -10.80
CA THR D 124 -1.59 35.83 -9.85
C THR D 124 -2.35 35.79 -8.53
N THR D 125 -2.75 34.61 -8.08
CA THR D 125 -3.53 34.48 -6.86
C THR D 125 -2.60 34.12 -5.69
N VAL D 126 -2.60 34.97 -4.66
CA VAL D 126 -1.71 34.76 -3.51
C VAL D 126 -2.05 33.46 -2.81
N GLN D 127 -3.33 33.21 -2.58
CA GLN D 127 -3.76 32.06 -1.79
C GLN D 127 -3.49 30.74 -2.49
N GLY D 128 -3.35 30.74 -3.81
CA GLY D 128 -3.02 29.53 -4.53
C GLY D 128 -1.55 29.40 -4.87
N LEU D 129 -0.82 30.51 -4.83
CA LEU D 129 0.61 30.51 -5.05
C LEU D 129 1.41 30.22 -3.79
N ASN D 130 0.87 30.59 -2.62
CA ASN D 130 1.50 30.25 -1.36
C ASN D 130 1.59 28.75 -1.15
N LEU D 131 0.67 27.97 -1.71
CA LEU D 131 0.79 26.52 -1.72
C LEU D 131 1.85 26.02 -2.68
N ILE D 132 1.88 26.57 -3.89
CA ILE D 132 2.82 26.09 -4.90
C ILE D 132 4.26 26.33 -4.45
N LEU D 133 4.57 27.55 -4.01
CA LEU D 133 5.93 27.87 -3.59
C LEU D 133 6.34 27.07 -2.35
N ARG D 134 5.44 26.98 -1.37
CA ARG D 134 5.75 26.24 -0.15
C ARG D 134 6.02 24.77 -0.44
N HIS D 135 5.15 24.14 -1.24
CA HIS D 135 5.36 22.74 -1.57
C HIS D 135 6.66 22.54 -2.34
N THR D 136 6.95 23.42 -3.31
CA THR D 136 8.16 23.26 -4.11
C THR D 136 9.41 23.36 -3.26
N PHE D 137 9.48 24.35 -2.38
CA PHE D 137 10.68 24.49 -1.57
C PHE D 137 10.78 23.41 -0.50
N ASN D 138 9.66 22.93 0.02
CA ASN D 138 9.74 21.80 0.94
C ASN D 138 10.21 20.54 0.24
N ARG D 139 9.75 20.29 -1.00
CA ARG D 139 10.28 19.17 -1.76
C ARG D 139 11.76 19.34 -2.05
N TYR D 140 12.21 20.57 -2.27
CA TYR D 140 13.64 20.82 -2.44
C TYR D 140 14.41 20.46 -1.16
N ASP D 141 13.89 20.85 -0.01
CA ASP D 141 14.57 20.62 1.26
C ASP D 141 14.43 19.16 1.72
N GLY D 142 13.57 18.40 1.05
CA GLY D 142 13.36 17.02 1.43
C GLY D 142 14.46 16.05 1.05
N VAL D 143 15.18 16.34 -0.02
CA VAL D 143 16.35 15.54 -0.38
C VAL D 143 17.49 15.77 0.61
N ILE D 144 17.69 17.02 1.01
CA ILE D 144 18.78 17.37 1.91
C ILE D 144 18.63 16.64 3.23
N LYS D 145 17.43 16.66 3.82
CA LYS D 145 17.27 16.00 5.10
C LYS D 145 17.17 14.49 4.96
N LYS D 146 16.80 13.98 3.78
CA LYS D 146 16.92 12.54 3.54
C LYS D 146 18.37 12.11 3.62
N VAL D 147 19.28 12.89 3.03
CA VAL D 147 20.70 12.58 3.16
C VAL D 147 21.17 12.80 4.59
N GLU D 148 20.65 13.84 5.24
CA GLU D 148 21.07 14.16 6.60
C GLU D 148 20.69 13.07 7.59
N THR D 149 19.57 12.38 7.35
CA THR D 149 19.17 11.31 8.27
C THR D 149 20.16 10.16 8.23
N ARG D 150 20.55 9.72 7.02
CA ARG D 150 21.58 8.70 6.91
C ARG D 150 22.89 9.17 7.51
N ASN D 151 23.23 10.44 7.27
CA ASN D 151 24.46 10.99 7.82
C ASN D 151 24.46 10.94 9.35
N GLU D 152 23.35 11.31 9.98
CA GLU D 152 23.31 11.33 11.44
C GLU D 152 23.17 9.93 12.03
N LYS D 153 22.58 8.97 11.31
CA LYS D 153 22.69 7.58 11.74
C LYS D 153 24.15 7.13 11.77
N ARG D 154 24.89 7.39 10.68
CA ARG D 154 26.31 7.06 10.67
C ARG D 154 27.05 7.77 11.79
N ARG D 155 26.70 9.03 12.04
CA ARG D 155 27.32 9.79 13.12
C ARG D 155 27.02 9.19 14.48
N SER D 156 25.79 8.69 14.68
CA SER D 156 25.44 8.07 15.97
C SER D 156 26.23 6.79 16.19
N LYS D 157 26.31 5.92 15.17
CA LYS D 157 27.14 4.72 15.33
C LYS D 157 28.60 5.08 15.55
N ALA D 158 29.12 6.07 14.82
CA ALA D 158 30.50 6.47 15.02
C ALA D 158 30.74 7.00 16.42
N THR D 159 29.82 7.82 16.93
CA THR D 159 29.97 8.38 18.27
C THR D 159 29.94 7.29 19.34
N ARG D 160 29.02 6.33 19.21
CA ARG D 160 29.00 5.24 20.16
C ARG D 160 30.25 4.36 20.08
N ILE D 161 30.70 4.02 18.87
CA ILE D 161 31.87 3.17 18.73
C ILE D 161 33.12 3.87 19.26
N ASN D 162 33.27 5.16 18.94
CA ASN D 162 34.45 5.89 19.40
C ASN D 162 34.46 6.06 20.92
N VAL D 163 33.31 6.35 21.53
CA VAL D 163 33.29 6.49 22.99
C VAL D 163 33.54 5.14 23.66
N SER D 164 33.01 4.05 23.10
CA SER D 164 33.31 2.73 23.65
C SER D 164 34.79 2.39 23.52
N ARG D 165 35.40 2.72 22.39
CA ARG D 165 36.83 2.47 22.19
C ARG D 165 37.67 3.30 23.15
N GLU D 166 37.30 4.57 23.35
CA GLU D 166 38.02 5.42 24.29
C GLU D 166 37.88 4.90 25.72
N ALA D 167 36.70 4.40 26.09
CA ALA D 167 36.54 3.75 27.38
C ALA D 167 37.42 2.53 27.49
N ASP D 168 37.52 1.75 26.41
CA ASP D 168 38.42 0.60 26.36
C ASP D 168 39.87 0.99 26.07
N GLY D 169 40.13 2.27 25.77
CA GLY D 169 41.46 2.75 25.52
C GLY D 169 41.85 2.85 24.05
N LEU D 170 41.08 2.23 23.16
CA LEU D 170 41.39 2.29 21.74
C LEU D 170 41.14 3.71 21.22
N PRO D 171 42.01 4.25 20.37
CA PRO D 171 41.77 5.57 19.81
C PRO D 171 40.54 5.55 18.92
N PRO D 172 39.82 6.67 18.83
CA PRO D 172 38.64 6.73 17.96
C PRO D 172 39.00 6.43 16.51
N ILE D 173 38.13 5.70 15.83
CA ILE D 173 38.35 5.36 14.43
C ILE D 173 38.02 6.54 13.55
N GLU D 174 38.64 6.58 12.37
CA GLU D 174 38.37 7.65 11.41
C GLU D 174 36.92 7.56 10.93
N ALA D 175 36.25 8.71 10.93
CA ALA D 175 34.84 8.74 10.57
C ALA D 175 34.66 8.53 9.06
N GLU D 176 33.47 8.05 8.68
CA GLU D 176 33.19 7.82 7.28
C GLU D 176 32.97 9.14 6.54
N PRO D 177 33.31 9.20 5.25
CA PRO D 177 33.06 10.42 4.48
C PRO D 177 31.56 10.67 4.36
N GLU D 178 31.11 11.81 4.90
CA GLU D 178 29.69 12.13 4.89
C GLU D 178 29.21 12.35 3.46
N GLU D 179 28.18 11.60 3.06
CA GLU D 179 27.60 11.77 1.74
C GLU D 179 26.90 13.12 1.65
N THR D 180 26.99 13.75 0.49
CA THR D 180 26.41 15.06 0.26
C THR D 180 25.22 14.96 -0.68
N ALA D 181 24.20 15.78 -0.40
CA ALA D 181 23.00 15.79 -1.22
C ALA D 181 23.21 16.49 -2.56
N PHE D 182 24.29 17.24 -2.71
CA PHE D 182 24.54 18.04 -3.90
C PHE D 182 25.65 17.42 -4.73
N GLY D 183 25.63 17.69 -6.03
CA GLY D 183 26.60 17.15 -6.94
C GLY D 183 27.87 17.98 -7.02
N PRO D 184 28.64 17.78 -8.10
CA PRO D 184 29.90 18.52 -8.25
C PRO D 184 29.70 20.01 -8.49
N ASP D 185 28.85 20.35 -9.47
CA ASP D 185 28.61 21.75 -9.78
C ASP D 185 27.87 22.46 -8.66
N GLY D 186 26.94 21.75 -8.00
CA GLY D 186 26.18 22.32 -6.92
C GLY D 186 24.70 21.97 -7.01
N LYS D 187 24.34 21.27 -8.08
CA LYS D 187 22.97 20.85 -8.29
C LYS D 187 22.66 19.62 -7.44
N LEU D 188 21.36 19.40 -7.22
CA LEU D 188 20.93 18.21 -6.49
C LEU D 188 21.11 16.97 -7.34
N LYS D 189 21.79 15.96 -6.79
CA LYS D 189 21.94 14.70 -7.50
C LYS D 189 20.59 14.02 -7.68
N GLU D 190 19.79 13.99 -6.61
CA GLU D 190 18.47 13.35 -6.61
C GLU D 190 17.43 14.45 -6.82
N ARG D 191 17.27 14.87 -8.07
CA ARG D 191 16.38 15.98 -8.37
C ARG D 191 14.92 15.54 -8.25
N PRO D 192 14.10 16.23 -7.47
CA PRO D 192 12.69 15.86 -7.38
C PRO D 192 11.96 16.08 -8.69
N GLY D 193 10.94 15.27 -8.92
CA GLY D 193 10.12 15.40 -10.11
C GLY D 193 8.92 16.28 -9.90
N ILE D 194 8.26 16.60 -11.01
CA ILE D 194 7.11 17.50 -10.99
C ILE D 194 5.91 16.78 -10.37
N ASN D 195 5.22 17.46 -9.46
CA ASN D 195 4.01 16.94 -8.86
C ASN D 195 2.82 17.33 -9.74
N PRO D 196 2.15 16.39 -10.39
CA PRO D 196 1.05 16.72 -11.31
C PRO D 196 -0.30 16.78 -10.60
N SER D 197 -0.42 17.67 -9.63
CA SER D 197 -1.63 17.80 -8.84
C SER D 197 -2.00 19.27 -8.69
N ILE D 198 -3.30 19.53 -8.63
CA ILE D 198 -3.81 20.89 -8.43
C ILE D 198 -4.43 20.92 -7.04
N TYR D 199 -3.88 21.75 -6.17
CA TYR D 199 -4.40 21.91 -4.82
C TYR D 199 -5.38 23.08 -4.81
N CYS D 200 -6.66 22.78 -4.69
CA CYS D 200 -7.68 23.82 -4.62
C CYS D 200 -7.57 24.56 -3.30
N TYR D 201 -8.12 25.76 -3.26
CA TYR D 201 -7.98 26.65 -2.13
C TYR D 201 -9.34 27.25 -1.80
N GLN D 202 -9.38 28.04 -0.72
CA GLN D 202 -10.65 28.58 -0.22
C GLN D 202 -11.39 29.36 -1.28
N GLN D 203 -10.67 30.08 -2.14
CA GLN D 203 -11.32 30.95 -3.10
C GLN D 203 -11.89 30.19 -4.29
N VAL D 204 -11.63 28.89 -4.40
CA VAL D 204 -12.15 28.08 -5.49
C VAL D 204 -12.83 26.84 -4.92
N SER D 205 -13.36 26.95 -3.71
CA SER D 205 -13.94 25.80 -3.02
C SER D 205 -15.14 25.26 -3.79
N PRO D 206 -15.38 23.94 -3.73
CA PRO D 206 -16.52 23.37 -4.45
C PRO D 206 -17.85 23.90 -3.95
N VAL D 207 -18.76 24.16 -4.88
CA VAL D 207 -20.10 24.65 -4.57
C VAL D 207 -21.11 23.90 -5.41
N PRO D 208 -22.36 23.83 -4.95
CA PRO D 208 -23.40 23.17 -5.75
C PRO D 208 -23.61 23.88 -7.08
N TYR D 209 -23.87 23.10 -8.12
CA TYR D 209 -24.03 23.65 -9.45
C TYR D 209 -25.41 24.30 -9.61
N ASN D 210 -25.44 25.43 -10.31
CA ASN D 210 -26.66 26.16 -10.57
C ASN D 210 -26.81 26.40 -12.06
N PRO D 211 -28.05 26.38 -12.58
CA PRO D 211 -28.24 26.66 -14.01
C PRO D 211 -27.73 28.02 -14.44
N ALA D 212 -27.76 29.01 -13.55
CA ALA D 212 -27.17 30.31 -13.84
C ALA D 212 -25.71 30.39 -13.38
N LYS D 213 -24.94 29.37 -13.73
CA LYS D 213 -23.49 29.39 -13.54
C LYS D 213 -22.76 29.15 -14.85
N HIS D 214 -23.04 28.04 -15.53
CA HIS D 214 -22.47 27.75 -16.84
C HIS D 214 -23.47 26.88 -17.58
N PRO D 215 -24.48 27.51 -18.21
CA PRO D 215 -25.64 26.75 -18.70
C PRO D 215 -25.35 25.84 -19.88
N ALA D 216 -24.09 25.65 -20.27
CA ALA D 216 -23.76 24.78 -21.39
C ALA D 216 -23.77 23.31 -21.01
N LEU D 217 -23.98 22.98 -19.74
CA LEU D 217 -23.91 21.60 -19.31
C LEU D 217 -25.12 20.81 -19.80
N PRO D 218 -24.92 19.58 -20.24
CA PRO D 218 -26.07 18.73 -20.62
C PRO D 218 -26.73 18.09 -19.41
N PHE D 219 -26.33 18.49 -18.22
CA PHE D 219 -26.79 17.88 -16.99
C PHE D 219 -27.99 18.67 -16.44
N SER D 220 -28.35 18.35 -15.21
CA SER D 220 -29.33 19.13 -14.46
C SER D 220 -28.71 19.53 -13.13
N GLY D 221 -29.51 20.10 -12.24
CA GLY D 221 -28.99 20.52 -10.95
C GLY D 221 -30.01 20.42 -9.84
N VAL D 222 -29.59 19.88 -8.70
CA VAL D 222 -30.49 19.79 -7.56
C VAL D 222 -30.52 21.12 -6.82
N ASP D 223 -31.58 21.32 -6.06
CA ASP D 223 -31.66 22.46 -5.16
C ASP D 223 -30.70 22.25 -4.00
N PRO D 224 -29.74 23.16 -3.77
CA PRO D 224 -28.77 22.93 -2.69
C PRO D 224 -29.39 22.78 -1.31
N GLY D 225 -30.55 23.41 -1.08
CA GLY D 225 -31.20 23.30 0.22
C GLY D 225 -32.14 22.14 0.38
N ALA D 226 -32.60 21.55 -0.72
CA ALA D 226 -33.54 20.46 -0.67
C ALA D 226 -32.86 19.17 -0.23
N PRO D 227 -33.60 18.25 0.38
CA PRO D 227 -33.03 16.93 0.69
C PRO D 227 -32.55 16.21 -0.55
N LEU D 228 -31.41 15.53 -0.42
CA LEU D 228 -30.86 14.81 -1.55
C LEU D 228 -31.76 13.65 -1.94
N PRO D 229 -31.89 13.37 -3.22
CA PRO D 229 -32.73 12.25 -3.65
C PRO D 229 -32.20 10.93 -3.10
N LEU D 230 -33.14 10.03 -2.81
CA LEU D 230 -32.81 8.68 -2.40
C LEU D 230 -33.06 7.74 -3.57
N GLY D 231 -32.35 6.62 -3.57
CA GLY D 231 -32.44 5.67 -4.67
C GLY D 231 -33.82 5.05 -4.75
N THR D 232 -33.91 4.02 -5.61
CA THR D 232 -35.16 3.31 -5.83
C THR D 232 -35.71 2.81 -4.50
N PRO D 233 -36.82 3.36 -4.02
CA PRO D 233 -37.31 3.01 -2.68
C PRO D 233 -37.80 1.57 -2.57
N ASN D 234 -38.68 1.17 -3.48
CA ASN D 234 -39.30 -0.16 -3.45
C ASN D 234 -39.01 -0.87 -4.76
N ARG D 235 -37.96 -1.69 -4.75
CA ARG D 235 -37.54 -2.41 -5.95
C ARG D 235 -38.42 -3.60 -6.27
N LEU D 236 -39.21 -4.08 -5.32
CA LEU D 236 -40.07 -5.23 -5.55
C LEU D 236 -41.34 -4.87 -6.33
N SER D 237 -41.66 -3.58 -6.44
CA SER D 237 -42.85 -3.14 -7.14
C SER D 237 -42.57 -2.63 -8.55
N ILE D 238 -41.33 -2.76 -9.02
CA ILE D 238 -41.03 -2.31 -10.39
C ILE D 238 -41.72 -3.23 -11.39
N PRO D 239 -42.44 -2.70 -12.37
CA PRO D 239 -43.13 -3.56 -13.35
C PRO D 239 -42.13 -4.37 -14.16
N LYS D 240 -42.65 -5.47 -14.72
CA LYS D 240 -41.85 -6.34 -15.56
C LYS D 240 -41.45 -5.63 -16.86
N GLY D 241 -40.23 -5.88 -17.31
CA GLY D 241 -39.70 -5.25 -18.50
C GLY D 241 -39.09 -3.88 -18.26
N GLN D 242 -39.16 -3.35 -17.03
CA GLN D 242 -38.60 -2.08 -16.62
C GLN D 242 -37.25 -2.29 -15.93
N PRO D 243 -36.35 -1.32 -16.04
CA PRO D 243 -35.03 -1.47 -15.40
C PRO D 243 -35.16 -1.60 -13.88
N GLY D 244 -34.29 -2.44 -13.31
CA GLY D 244 -34.32 -2.72 -11.90
C GLY D 244 -35.28 -3.81 -11.47
N TYR D 245 -35.86 -4.54 -12.42
CA TYR D 245 -36.87 -5.55 -12.10
C TYR D 245 -36.24 -6.76 -11.44
N VAL D 246 -36.79 -7.18 -10.31
CA VAL D 246 -36.31 -8.36 -9.59
C VAL D 246 -37.23 -9.52 -9.97
N PRO D 247 -36.72 -10.56 -10.64
CA PRO D 247 -37.57 -11.69 -11.02
C PRO D 247 -38.08 -12.43 -9.80
N GLU D 248 -39.16 -13.19 -10.03
CA GLU D 248 -39.85 -13.85 -8.93
C GLU D 248 -38.96 -14.89 -8.25
N TRP D 249 -38.17 -15.63 -9.02
CA TRP D 249 -37.40 -16.73 -8.44
C TRP D 249 -36.31 -16.22 -7.50
N GLN D 250 -35.75 -15.04 -7.77
CA GLN D 250 -34.76 -14.46 -6.87
C GLN D 250 -35.38 -13.87 -5.62
N ARG D 251 -36.68 -13.56 -5.65
CA ARG D 251 -37.29 -12.82 -4.55
C ARG D 251 -37.21 -13.51 -3.19
N PRO D 252 -37.46 -14.83 -3.06
CA PRO D 252 -37.40 -15.42 -1.71
C PRO D 252 -36.04 -15.27 -1.03
N HIS D 253 -34.95 -15.51 -1.75
CA HIS D 253 -33.60 -15.40 -1.17
C HIS D 253 -32.96 -14.07 -1.51
N LEU D 254 -33.52 -13.00 -0.94
CA LEU D 254 -32.91 -11.68 -1.01
C LEU D 254 -32.26 -11.35 0.33
N SER D 255 -31.39 -10.36 0.39
CA SER D 255 -30.62 -10.09 1.59
C SER D 255 -31.38 -9.12 2.43
N THR D 256 -31.17 -9.26 3.73
CA THR D 256 -31.94 -8.56 4.75
C THR D 256 -31.09 -7.56 5.52
N LYS D 257 -29.79 -7.50 5.26
CA LYS D 257 -28.92 -6.57 5.97
C LYS D 257 -28.95 -5.20 5.32
N ASN D 258 -28.24 -4.25 5.95
CA ASN D 258 -28.13 -2.89 5.43
C ASN D 258 -27.07 -2.83 4.32
N LYS D 259 -27.29 -3.66 3.31
CA LYS D 259 -26.40 -3.75 2.17
C LYS D 259 -26.51 -2.51 1.31
N ARG D 260 -25.40 -2.13 0.68
CA ARG D 260 -25.39 -0.98 -0.20
C ARG D 260 -26.24 -1.26 -1.44
N ILE D 261 -27.16 -0.37 -1.74
CA ILE D 261 -28.04 -0.54 -2.90
C ILE D 261 -27.30 -0.06 -4.15
N ARG D 262 -27.33 -0.89 -5.19
CA ARG D 262 -26.76 -0.57 -6.48
C ARG D 262 -27.89 -0.26 -7.46
N LYS D 263 -27.71 0.80 -8.26
CA LYS D 263 -28.65 1.06 -9.34
C LYS D 263 -28.47 0.01 -10.42
N TRP D 264 -29.46 -0.08 -11.31
CA TRP D 264 -29.40 -1.04 -12.39
C TRP D 264 -28.27 -0.74 -13.37
N TYR D 265 -27.88 0.53 -13.47
CA TYR D 265 -26.88 0.96 -14.44
C TYR D 265 -25.46 0.96 -13.87
N ALA D 266 -25.27 0.50 -12.64
CA ALA D 266 -23.93 0.39 -12.09
C ALA D 266 -23.09 -0.58 -12.91
N ARG D 267 -21.85 -0.18 -13.18
CA ARG D 267 -20.99 -1.00 -14.04
C ARG D 267 -20.63 -2.33 -13.39
N ALA D 268 -20.69 -2.41 -12.06
CA ALA D 268 -20.43 -3.68 -11.38
C ALA D 268 -21.47 -4.73 -11.75
N ASN D 269 -22.67 -4.29 -12.09
CA ASN D 269 -23.75 -5.19 -12.48
C ASN D 269 -23.62 -5.69 -13.91
N TRP D 270 -22.77 -5.08 -14.72
CA TRP D 270 -22.69 -5.39 -16.14
C TRP D 270 -21.27 -5.67 -16.64
N ARG D 271 -20.28 -5.72 -15.76
CA ARG D 271 -18.91 -5.89 -16.22
C ARG D 271 -18.71 -7.26 -16.87
N ARG D 272 -17.78 -7.30 -17.83
CA ARG D 272 -17.56 -8.49 -18.64
C ARG D 272 -16.88 -9.56 -17.79
N LYS D 273 -17.68 -10.46 -17.25
CA LYS D 273 -17.38 -11.58 -16.39
C LYS D 273 -17.51 -12.88 -17.16
N PRO D 274 -16.77 -13.93 -16.77
CA PRO D 274 -16.85 -15.20 -17.51
C PRO D 274 -18.25 -15.78 -17.65
N GLY D 275 -19.13 -15.59 -16.68
CA GLY D 275 -20.43 -16.24 -16.72
C GLY D 275 -21.64 -15.34 -16.67
N ARG D 276 -21.60 -14.23 -17.41
CA ARG D 276 -22.64 -13.21 -17.37
C ARG D 276 -23.70 -13.30 -18.47
N LYS D 277 -23.28 -13.73 -19.66
CA LYS D 277 -24.17 -13.89 -20.81
C LYS D 277 -24.98 -12.62 -21.06
N SER D 278 -24.41 -11.48 -20.69
CA SER D 278 -25.03 -10.18 -20.89
C SER D 278 -24.16 -9.33 -21.81
N VAL D 279 -24.72 -8.21 -22.24
CA VAL D 279 -24.05 -7.31 -23.18
C VAL D 279 -23.84 -5.98 -22.49
N LEU D 280 -22.62 -5.43 -22.62
CA LEU D 280 -22.30 -4.15 -22.01
C LEU D 280 -22.46 -3.03 -23.03
N ASP D 281 -23.34 -2.08 -22.73
CA ASP D 281 -23.56 -0.90 -23.56
C ASP D 281 -23.13 0.29 -22.72
N GLU D 282 -21.90 0.76 -22.95
CA GLU D 282 -21.35 1.82 -22.11
C GLU D 282 -22.11 3.12 -22.28
N ALA D 283 -22.57 3.43 -23.49
CA ALA D 283 -23.31 4.68 -23.72
C ALA D 283 -24.62 4.70 -22.93
N LYS D 284 -25.34 3.57 -22.92
CA LYS D 284 -26.63 3.54 -22.25
C LYS D 284 -26.47 3.71 -20.73
N LEU D 285 -25.51 2.99 -20.14
CA LEU D 285 -25.26 3.14 -18.72
C LEU D 285 -24.76 4.55 -18.40
N LYS D 286 -23.93 5.12 -19.28
CA LYS D 286 -23.42 6.47 -19.06
C LYS D 286 -24.56 7.47 -19.03
N GLU D 287 -25.44 7.45 -20.03
CA GLU D 287 -26.55 8.39 -20.04
C GLU D 287 -27.50 8.16 -18.86
N ALA D 288 -27.76 6.89 -18.51
CA ALA D 288 -28.63 6.60 -17.38
C ALA D 288 -28.05 7.15 -16.08
N ALA D 289 -26.74 7.01 -15.88
CA ALA D 289 -26.11 7.54 -14.68
C ALA D 289 -26.10 9.06 -14.69
N LEU D 290 -25.83 9.66 -15.85
CA LEU D 290 -25.80 11.12 -15.96
C LEU D 290 -27.16 11.76 -15.75
N LYS D 291 -28.26 11.03 -15.98
CA LYS D 291 -29.56 11.62 -15.69
C LYS D 291 -29.79 11.85 -14.20
N GLU D 292 -29.11 11.11 -13.33
CA GLU D 292 -29.35 11.17 -11.89
C GLU D 292 -28.08 11.47 -11.11
N ALA D 293 -27.30 12.45 -11.56
CA ALA D 293 -26.07 12.80 -10.87
C ALA D 293 -26.31 13.90 -9.85
N ILE D 294 -25.33 14.12 -8.99
CA ILE D 294 -25.36 15.21 -8.02
C ILE D 294 -24.19 16.15 -8.32
N PRO D 295 -24.38 17.14 -9.20
CA PRO D 295 -23.24 17.91 -9.68
C PRO D 295 -22.78 18.99 -8.72
N ILE D 296 -21.46 19.10 -8.57
CA ILE D 296 -20.81 20.20 -7.88
C ILE D 296 -19.76 20.76 -8.82
N ILE D 297 -19.34 22.00 -8.57
CA ILE D 297 -18.52 22.74 -9.51
C ILE D 297 -17.39 23.46 -8.78
N VAL D 298 -16.21 23.45 -9.39
CA VAL D 298 -15.06 24.23 -8.94
C VAL D 298 -14.63 25.13 -10.09
N THR D 299 -14.50 26.43 -9.82
CA THR D 299 -14.17 27.42 -10.83
C THR D 299 -12.86 28.11 -10.44
N ILE D 300 -11.82 27.91 -11.26
CA ILE D 300 -10.55 28.59 -11.09
C ILE D 300 -10.37 29.50 -12.29
N GLY D 301 -10.51 30.81 -12.08
CA GLY D 301 -10.43 31.77 -13.15
C GLY D 301 -11.55 31.62 -14.16
N LYS D 302 -11.21 31.39 -15.42
CA LYS D 302 -12.19 31.18 -16.47
C LYS D 302 -12.49 29.71 -16.71
N ASP D 303 -11.74 28.81 -16.10
CA ASP D 303 -11.92 27.38 -16.28
C ASP D 303 -12.77 26.81 -15.15
N TRP D 304 -13.27 25.59 -15.37
CA TRP D 304 -14.16 24.96 -14.40
C TRP D 304 -14.17 23.46 -14.62
N ILE D 305 -14.57 22.74 -13.57
CA ILE D 305 -14.83 21.30 -13.66
C ILE D 305 -16.09 20.99 -12.84
N VAL D 306 -16.82 19.97 -13.27
CA VAL D 306 -18.03 19.54 -12.61
C VAL D 306 -17.83 18.11 -12.13
N MET D 307 -18.11 17.87 -10.85
CA MET D 307 -17.86 16.59 -10.21
C MET D 307 -19.19 15.96 -9.79
N ASP D 308 -19.19 14.63 -9.75
CA ASP D 308 -20.34 13.87 -9.30
C ASP D 308 -20.18 13.60 -7.81
N ALA D 309 -21.09 14.16 -7.01
CA ALA D 309 -20.96 14.09 -5.56
C ALA D 309 -21.52 12.81 -4.96
N ARG D 310 -21.94 11.85 -5.78
CA ARG D 310 -22.45 10.59 -5.24
C ARG D 310 -21.36 9.82 -4.52
N GLY D 311 -20.09 10.02 -4.90
CA GLY D 311 -19.00 9.44 -4.13
C GLY D 311 -18.96 9.95 -2.71
N LEU D 312 -19.14 11.27 -2.53
CA LEU D 312 -19.26 11.83 -1.20
C LEU D 312 -20.46 11.26 -0.46
N LEU D 313 -21.58 11.07 -1.17
CA LEU D 313 -22.78 10.51 -0.55
C LEU D 313 -22.53 9.11 -0.02
N ARG D 314 -21.91 8.25 -0.83
CA ARG D 314 -21.63 6.89 -0.38
C ARG D 314 -20.63 6.90 0.77
N ALA D 315 -19.64 7.79 0.70
CA ALA D 315 -18.66 7.88 1.78
C ALA D 315 -19.34 8.24 3.10
N VAL D 316 -20.29 9.19 3.07
CA VAL D 316 -20.97 9.56 4.31
C VAL D 316 -21.99 8.53 4.76
N TYR D 317 -22.58 7.77 3.83
CA TYR D 317 -23.53 6.73 4.21
C TYR D 317 -22.88 5.50 4.82
N TRP D 318 -21.79 5.00 4.23
CA TRP D 318 -21.23 3.77 4.76
C TRP D 318 -20.50 3.96 6.08
N ARG D 319 -20.00 5.17 6.33
CA ARG D 319 -19.34 5.46 7.61
C ARG D 319 -20.30 5.78 8.72
N GLY D 320 -21.57 6.06 8.40
CA GLY D 320 -22.53 6.36 9.44
C GLY D 320 -22.37 7.72 10.09
N ILE D 321 -21.75 8.68 9.39
CA ILE D 321 -21.61 10.02 9.95
C ILE D 321 -22.88 10.85 9.75
N ALA D 322 -23.77 10.42 8.86
CA ALA D 322 -25.02 11.11 8.61
C ALA D 322 -26.12 10.09 8.33
N LYS D 323 -27.32 10.59 8.05
CA LYS D 323 -28.47 9.77 7.75
C LYS D 323 -29.09 10.26 6.45
N PRO D 324 -29.83 9.41 5.73
CA PRO D 324 -30.54 9.88 4.54
C PRO D 324 -31.50 11.00 4.88
N GLY D 325 -31.57 11.99 3.99
CA GLY D 325 -32.37 13.17 4.25
C GLY D 325 -31.54 14.38 4.58
N LEU D 326 -30.42 14.55 3.88
CA LEU D 326 -29.52 15.68 4.07
C LEU D 326 -29.27 16.35 2.73
N SER D 327 -29.01 17.65 2.80
CA SER D 327 -28.92 18.48 1.60
C SER D 327 -27.52 18.42 0.99
N LEU D 328 -27.38 19.08 -0.17
CA LEU D 328 -26.07 19.17 -0.82
C LEU D 328 -25.16 20.18 -0.13
N LYS D 329 -25.73 21.23 0.48
CA LYS D 329 -24.91 22.18 1.22
C LYS D 329 -24.20 21.48 2.37
N GLU D 330 -24.93 20.67 3.13
CA GLU D 330 -24.35 20.01 4.29
C GLU D 330 -23.69 18.68 3.94
N LEU D 331 -23.91 18.16 2.74
CA LEU D 331 -23.05 17.10 2.24
C LEU D 331 -21.64 17.61 1.99
N LEU D 332 -21.52 18.80 1.41
CA LEU D 332 -20.22 19.40 1.18
C LEU D 332 -19.56 19.88 2.47
N GLY D 333 -20.34 20.02 3.55
CA GLY D 333 -19.84 20.50 4.82
C GLY D 333 -19.15 19.48 5.68
N PHE D 334 -19.17 18.21 5.27
CA PHE D 334 -18.44 17.16 5.97
C PHE D 334 -17.03 17.00 5.44
N PHE D 335 -16.62 17.80 4.47
CA PHE D 335 -15.33 17.69 3.83
C PHE D 335 -14.65 19.04 3.79
N SER D 336 -13.36 19.03 3.52
CA SER D 336 -12.62 20.27 3.36
C SER D 336 -12.95 20.92 2.02
N GLY D 337 -12.80 22.23 1.97
CA GLY D 337 -13.04 22.97 0.76
C GLY D 337 -11.88 22.99 -0.21
N ASP D 338 -10.85 22.15 0.01
CA ASP D 338 -9.61 22.21 -0.74
C ASP D 338 -9.28 20.82 -1.29
N PRO D 339 -10.00 20.37 -2.30
CA PRO D 339 -9.71 19.04 -2.87
C PRO D 339 -8.46 19.06 -3.73
N VAL D 340 -8.02 17.87 -4.10
CA VAL D 340 -6.81 17.67 -4.89
C VAL D 340 -7.19 17.03 -6.21
N LEU D 341 -6.69 17.59 -7.30
CA LEU D 341 -7.06 17.20 -8.65
C LEU D 341 -5.89 16.50 -9.34
N ASP D 342 -6.12 15.32 -9.88
CA ASP D 342 -5.12 14.65 -10.70
C ASP D 342 -5.59 14.62 -12.15
N PRO D 343 -4.98 15.39 -13.05
CA PRO D 343 -5.48 15.44 -14.43
C PRO D 343 -5.41 14.11 -15.16
N LYS D 344 -4.44 13.25 -14.85
CA LYS D 344 -4.25 12.03 -15.62
C LYS D 344 -5.43 11.07 -15.45
N ARG D 345 -5.99 11.00 -14.25
CA ARG D 345 -7.16 10.15 -14.03
C ARG D 345 -8.45 10.90 -14.29
N GLY D 346 -8.68 11.98 -13.56
CA GLY D 346 -9.95 12.67 -13.62
C GLY D 346 -10.74 12.49 -12.34
N ILE D 347 -10.02 12.45 -11.23
CA ILE D 347 -10.59 12.20 -9.91
C ILE D 347 -10.34 13.42 -9.04
N ALA D 348 -11.34 13.81 -8.27
CA ALA D 348 -11.17 14.83 -7.24
C ALA D 348 -11.18 14.13 -5.89
N THR D 349 -10.07 14.23 -5.18
CA THR D 349 -9.91 13.56 -3.89
C THR D 349 -10.29 14.53 -2.78
N PHE D 350 -11.45 14.34 -2.18
CA PHE D 350 -11.84 15.11 -1.02
C PHE D 350 -11.29 14.46 0.24
N THR D 351 -11.15 15.25 1.29
CA THR D 351 -10.67 14.78 2.57
C THR D 351 -11.67 15.21 3.62
N PHE D 352 -12.01 14.29 4.52
CA PHE D 352 -12.98 14.60 5.56
C PHE D 352 -12.49 15.74 6.43
N LYS D 353 -13.41 16.62 6.77
CA LYS D 353 -13.11 17.75 7.64
C LYS D 353 -12.69 17.23 9.01
N LEU D 354 -11.96 18.08 9.74
CA LEU D 354 -11.42 17.67 11.03
C LEU D 354 -12.53 17.56 12.08
N GLY D 355 -13.12 16.38 12.21
CA GLY D 355 -14.17 16.15 13.17
C GLY D 355 -15.25 15.23 12.66
N ALA D 356 -15.29 15.03 11.35
CA ALA D 356 -16.32 14.18 10.77
C ALA D 356 -16.13 12.72 11.18
N VAL D 357 -14.90 12.21 11.08
CA VAL D 357 -14.58 10.85 11.49
C VAL D 357 -13.91 10.92 12.85
N ALA D 358 -14.53 10.29 13.84
CA ALA D 358 -14.04 10.33 15.22
C ALA D 358 -13.02 9.23 15.44
N VAL D 359 -11.85 9.43 14.85
CA VAL D 359 -10.72 8.52 14.98
C VAL D 359 -9.53 9.28 15.53
N HIS D 360 -8.96 8.81 16.63
CA HIS D 360 -7.74 9.35 17.21
C HIS D 360 -6.60 8.40 16.83
N SER D 361 -5.84 8.75 15.80
CA SER D 361 -4.86 7.85 15.23
C SER D 361 -3.69 7.66 16.18
N ARG D 362 -3.57 6.46 16.74
CA ARG D 362 -2.48 6.11 17.63
C ARG D 362 -1.34 5.46 16.83
N LYS D 363 -0.29 5.07 17.54
CA LYS D 363 0.84 4.36 16.95
C LYS D 363 1.08 3.06 17.70
N PRO D 364 1.59 2.04 17.03
CA PRO D 364 1.80 0.74 17.69
C PRO D 364 2.79 0.86 18.84
N THR D 365 2.29 0.63 20.04
CA THR D 365 3.11 0.69 21.24
C THR D 365 3.85 -0.61 21.45
N ARG D 366 4.92 -0.54 22.24
CA ARG D 366 5.74 -1.71 22.51
C ARG D 366 6.52 -1.47 23.80
N GLY D 367 6.60 -2.51 24.63
CA GLY D 367 7.42 -2.46 25.82
C GLY D 367 6.70 -2.01 27.07
N LYS D 368 7.37 -1.16 27.85
CA LYS D 368 6.82 -0.73 29.13
C LYS D 368 5.55 0.09 28.96
N LYS D 369 5.49 0.90 27.90
CA LYS D 369 4.35 1.79 27.71
C LYS D 369 3.05 1.01 27.54
N SER D 370 3.13 -0.24 27.10
CA SER D 370 1.92 -1.03 26.89
C SER D 370 1.22 -1.34 28.20
N LYS D 371 1.99 -1.57 29.27
CA LYS D 371 1.36 -1.85 30.57
C LYS D 371 0.54 -0.67 31.05
N GLU D 372 1.09 0.54 30.97
CA GLU D 372 0.32 1.72 31.32
C GLU D 372 -0.80 1.99 30.33
N LEU D 373 -0.65 1.58 29.07
CA LEU D 373 -1.77 1.66 28.13
C LEU D 373 -2.94 0.82 28.61
N LEU D 374 -2.66 -0.43 29.02
CA LEU D 374 -3.72 -1.28 29.57
C LEU D 374 -4.31 -0.68 30.83
N LEU D 375 -3.46 -0.14 31.71
CA LEU D 375 -3.96 0.47 32.94
C LEU D 375 -4.88 1.64 32.65
N SER D 376 -4.50 2.49 31.69
CA SER D 376 -5.36 3.62 31.32
C SER D 376 -6.66 3.15 30.70
N MET D 377 -6.61 2.13 29.84
CA MET D 377 -7.83 1.64 29.22
C MET D 377 -8.78 1.07 30.25
N THR D 378 -8.26 0.30 31.21
CA THR D 378 -9.13 -0.31 32.21
C THR D 378 -9.51 0.64 33.34
N ALA D 379 -8.83 1.79 33.45
CA ALA D 379 -9.23 2.77 34.45
C ALA D 379 -10.60 3.37 34.14
N GLU D 380 -10.87 3.66 32.87
CA GLU D 380 -12.15 4.24 32.49
C GLU D 380 -13.22 3.16 32.36
N LYS D 381 -12.99 2.20 31.47
CA LYS D 381 -13.91 1.07 31.26
C LYS D 381 -13.22 -0.21 31.71
N PRO D 382 -13.55 -0.76 32.90
CA PRO D 382 -12.83 -1.93 33.43
C PRO D 382 -13.26 -3.26 32.81
N HIS D 383 -13.43 -3.25 31.48
CA HIS D 383 -13.69 -4.47 30.72
C HIS D 383 -13.12 -4.24 29.32
N VAL D 384 -11.92 -4.75 29.08
CA VAL D 384 -11.19 -4.52 27.83
C VAL D 384 -10.89 -5.85 27.18
N GLY D 385 -11.19 -5.95 25.89
CA GLY D 385 -10.95 -7.18 25.15
C GLY D 385 -9.60 -7.17 24.47
N LEU D 386 -9.05 -8.37 24.27
CA LEU D 386 -7.78 -8.56 23.60
C LEU D 386 -7.93 -9.61 22.51
N VAL D 387 -7.11 -9.49 21.48
CA VAL D 387 -6.98 -10.53 20.47
C VAL D 387 -5.49 -10.78 20.24
N ALA D 388 -5.09 -12.04 20.36
CA ALA D 388 -3.70 -12.44 20.16
C ALA D 388 -3.60 -13.13 18.81
N ILE D 389 -2.99 -12.44 17.85
CA ILE D 389 -2.92 -12.92 16.48
C ILE D 389 -1.60 -13.64 16.30
N ASP D 390 -1.65 -14.96 16.39
CA ASP D 390 -0.51 -15.81 16.07
C ASP D 390 -0.71 -16.29 14.64
N LEU D 391 -0.38 -15.44 13.69
CA LEU D 391 -0.69 -15.68 12.28
C LEU D 391 0.40 -16.45 11.56
N GLY D 392 1.36 -17.04 12.28
CA GLY D 392 2.43 -17.76 11.61
C GLY D 392 2.04 -19.17 11.20
N GLN D 393 1.15 -19.81 11.95
CA GLN D 393 0.91 -21.24 11.83
C GLN D 393 -0.35 -21.53 11.03
N THR D 394 -0.28 -22.60 10.23
CA THR D 394 -1.38 -23.18 9.44
C THR D 394 -2.30 -22.13 8.81
N ASN D 395 -3.56 -22.11 9.21
CA ASN D 395 -4.52 -21.16 8.64
C ASN D 395 -4.05 -19.73 8.89
N PRO D 396 -4.28 -18.82 7.95
CA PRO D 396 -3.65 -17.49 8.03
C PRO D 396 -3.74 -16.77 9.37
N VAL D 397 -4.87 -16.85 10.07
CA VAL D 397 -5.08 -16.07 11.29
C VAL D 397 -5.50 -17.02 12.41
N ALA D 398 -4.87 -16.86 13.58
CA ALA D 398 -5.27 -17.54 14.80
C ALA D 398 -5.48 -16.50 15.89
N ALA D 399 -6.54 -16.67 16.68
CA ALA D 399 -6.95 -15.67 17.65
C ALA D 399 -7.01 -16.28 19.05
N GLU D 400 -6.94 -15.42 20.07
CA GLU D 400 -7.02 -15.85 21.45
C GLU D 400 -7.57 -14.68 22.27
N PHE D 401 -8.86 -14.71 22.55
CA PHE D 401 -9.53 -13.57 23.17
C PHE D 401 -9.46 -13.66 24.69
N SER D 402 -9.35 -12.50 25.31
CA SER D 402 -9.34 -12.43 26.77
C SER D 402 -9.92 -11.08 27.19
N ARG D 403 -10.55 -11.08 28.36
CA ARG D 403 -11.08 -9.87 28.95
C ARG D 403 -10.29 -9.57 30.22
N VAL D 404 -9.75 -8.36 30.30
CA VAL D 404 -8.81 -7.97 31.33
C VAL D 404 -9.42 -6.87 32.19
N LYS D 405 -9.27 -7.00 33.50
CA LYS D 405 -9.81 -6.05 34.46
C LYS D 405 -8.69 -5.39 35.25
N ARG D 406 -9.06 -4.39 36.04
CA ARG D 406 -8.12 -3.59 36.82
C ARG D 406 -8.14 -4.08 38.27
N GLU D 407 -7.09 -4.78 38.67
CA GLU D 407 -6.91 -5.17 40.07
C GLU D 407 -6.02 -4.17 40.79
N GLY D 408 -6.47 -2.91 40.79
CA GLY D 408 -5.73 -1.84 41.43
C GLY D 408 -4.54 -1.41 40.61
N GLU D 409 -3.51 -2.26 40.55
CA GLU D 409 -2.32 -2.00 39.76
C GLU D 409 -1.89 -3.17 38.90
N THR D 410 -2.46 -4.36 39.08
CA THR D 410 -2.09 -5.54 38.34
C THR D 410 -3.20 -5.97 37.39
N LEU D 411 -2.86 -6.89 36.50
CA LEU D 411 -3.78 -7.39 35.49
C LEU D 411 -4.19 -8.83 35.80
N GLN D 412 -5.45 -9.14 35.52
CA GLN D 412 -5.99 -10.49 35.68
C GLN D 412 -6.71 -10.84 34.38
N ALA D 413 -5.97 -11.41 33.44
CA ALA D 413 -6.57 -11.82 32.17
C ALA D 413 -7.45 -13.05 32.37
N GLU D 414 -8.59 -13.06 31.70
CA GLU D 414 -9.54 -14.17 31.76
C GLU D 414 -9.83 -14.65 30.34
N PRO D 415 -9.40 -15.86 29.99
CA PRO D 415 -9.59 -16.34 28.62
C PRO D 415 -11.07 -16.48 28.26
N LEU D 416 -11.36 -16.27 26.98
CA LEU D 416 -12.74 -16.33 26.49
C LEU D 416 -12.91 -17.26 25.29
N GLY D 417 -11.84 -17.86 24.78
CA GLY D 417 -11.94 -18.82 23.70
C GLY D 417 -10.80 -18.70 22.72
N GLN D 418 -10.96 -19.38 21.59
CA GLN D 418 -9.96 -19.44 20.53
C GLN D 418 -10.66 -19.84 19.24
N ILE D 419 -10.45 -19.07 18.18
CA ILE D 419 -11.05 -19.36 16.88
C ILE D 419 -9.96 -19.38 15.82
N VAL D 420 -10.39 -19.56 14.58
CA VAL D 420 -9.52 -19.55 13.43
C VAL D 420 -10.22 -18.74 12.34
N LEU D 421 -9.50 -18.49 11.27
CA LEU D 421 -10.09 -17.79 10.14
C LEU D 421 -11.20 -18.64 9.52
N PRO D 422 -12.38 -18.07 9.29
CA PRO D 422 -13.49 -18.87 8.75
C PRO D 422 -13.17 -19.42 7.36
N ASP D 423 -13.73 -20.58 7.07
CA ASP D 423 -13.35 -21.32 5.86
C ASP D 423 -13.72 -20.54 4.60
N ASP D 424 -14.90 -19.91 4.57
CA ASP D 424 -15.37 -19.27 3.36
C ASP D 424 -14.44 -18.16 2.88
N LEU D 425 -13.61 -17.64 3.79
CA LEU D 425 -12.62 -16.63 3.43
C LEU D 425 -11.33 -17.28 2.95
N VAL D 426 -11.05 -18.50 3.41
CA VAL D 426 -9.83 -19.19 3.01
C VAL D 426 -9.88 -19.55 1.53
N LYS D 427 -11.06 -19.90 1.01
CA LYS D 427 -11.16 -20.11 -0.43
C LYS D 427 -10.85 -18.84 -1.21
N ASP D 428 -11.32 -17.69 -0.71
CA ASP D 428 -11.01 -16.43 -1.36
C ASP D 428 -9.52 -16.16 -1.37
N LEU D 429 -8.86 -16.41 -0.24
CA LEU D 429 -7.41 -16.21 -0.17
C LEU D 429 -6.69 -17.15 -1.13
N THR D 430 -7.13 -18.41 -1.20
CA THR D 430 -6.50 -19.37 -2.10
C THR D 430 -6.68 -18.97 -3.56
N ARG D 431 -7.88 -18.50 -3.92
CA ARG D 431 -8.11 -18.04 -5.27
C ARG D 431 -7.21 -16.86 -5.62
N TYR D 432 -7.08 -15.92 -4.68
CA TYR D 432 -6.21 -14.79 -4.93
C TYR D 432 -4.76 -15.24 -5.09
N ARG D 433 -4.33 -16.20 -4.27
CA ARG D 433 -2.96 -16.69 -4.37
C ARG D 433 -2.71 -17.36 -5.72
N ARG D 434 -3.68 -18.12 -6.20
CA ARG D 434 -3.53 -18.73 -7.53
C ARG D 434 -3.40 -17.66 -8.61
N ALA D 435 -4.26 -16.64 -8.56
CA ALA D 435 -4.19 -15.56 -9.54
C ALA D 435 -2.86 -14.83 -9.46
N TRP D 436 -2.37 -14.59 -8.24
CA TRP D 436 -1.13 -13.85 -8.07
C TRP D 436 0.06 -14.66 -8.54
N ASP D 437 0.03 -15.97 -8.33
CA ASP D 437 1.08 -16.84 -8.86
C ASP D 437 1.09 -16.79 -10.37
N ALA D 438 -0.10 -16.84 -10.99
CA ALA D 438 -0.16 -16.78 -12.44
C ALA D 438 0.42 -15.47 -12.97
N THR D 439 0.00 -14.34 -12.39
CA THR D 439 0.48 -13.06 -12.91
C THR D 439 1.96 -12.86 -12.61
N GLU D 440 2.46 -13.38 -11.49
CA GLU D 440 3.88 -13.30 -11.19
C GLU D 440 4.69 -14.11 -12.18
N GLU D 441 4.22 -15.32 -12.53
CA GLU D 441 4.90 -16.10 -13.54
C GLU D 441 4.92 -15.36 -14.88
N GLN D 442 3.80 -14.73 -15.25
CA GLN D 442 3.75 -14.02 -16.52
C GLN D 442 4.72 -12.85 -16.55
N ILE D 443 4.75 -12.05 -15.47
CA ILE D 443 5.62 -10.87 -15.46
C ILE D 443 7.09 -11.28 -15.39
N LYS D 444 7.40 -12.35 -14.64
CA LYS D 444 8.78 -12.84 -14.59
C LYS D 444 9.22 -13.34 -15.95
N ALA D 445 8.35 -14.08 -16.65
CA ALA D 445 8.68 -14.56 -17.99
C ALA D 445 8.90 -13.40 -18.94
N GLU D 446 8.06 -12.37 -18.87
CA GLU D 446 8.24 -11.21 -19.74
C GLU D 446 9.56 -10.50 -19.44
N ALA D 447 9.90 -10.38 -18.16
CA ALA D 447 11.16 -9.73 -17.78
C ALA D 447 12.35 -10.52 -18.30
N ILE D 448 12.30 -11.85 -18.21
CA ILE D 448 13.39 -12.67 -18.74
C ILE D 448 13.49 -12.53 -20.24
N VAL D 449 12.33 -12.52 -20.92
CA VAL D 449 12.33 -12.43 -22.38
C VAL D 449 12.93 -11.10 -22.84
N GLN D 450 12.57 -10.00 -22.18
CA GLN D 450 13.04 -8.69 -22.56
C GLN D 450 14.42 -8.37 -21.98
N LEU D 451 15.03 -9.31 -21.25
CA LEU D 451 16.34 -9.09 -20.67
C LEU D 451 17.40 -9.00 -21.78
N PRO D 452 18.50 -8.28 -21.53
CA PRO D 452 19.57 -8.22 -22.52
C PRO D 452 20.13 -9.59 -22.84
N GLU D 453 20.57 -9.76 -24.09
CA GLU D 453 20.91 -11.08 -24.61
C GLU D 453 22.05 -11.72 -23.83
N GLU D 454 23.07 -10.93 -23.49
CA GLU D 454 24.20 -11.48 -22.74
C GLU D 454 23.75 -11.99 -21.38
N CYS D 455 22.88 -11.26 -20.69
CA CYS D 455 22.29 -11.75 -19.45
C CYS D 455 21.18 -12.77 -19.73
N ARG D 456 20.49 -12.65 -20.87
CA ARG D 456 19.42 -13.58 -21.19
C ARG D 456 19.95 -15.01 -21.28
N ALA D 457 21.06 -15.19 -21.99
CA ALA D 457 21.64 -16.52 -22.12
C ALA D 457 22.05 -17.09 -20.76
N GLU D 458 22.68 -16.26 -19.93
CA GLU D 458 23.11 -16.71 -18.61
C GLU D 458 21.93 -17.14 -17.76
N VAL D 459 20.88 -16.32 -17.73
CA VAL D 459 19.70 -16.66 -16.92
C VAL D 459 19.04 -17.92 -17.46
N VAL D 460 18.88 -18.02 -18.78
CA VAL D 460 18.25 -19.21 -19.35
C VAL D 460 19.05 -20.45 -18.97
N LYS D 461 20.37 -20.43 -19.19
CA LYS D 461 21.21 -21.56 -18.82
C LYS D 461 21.13 -21.87 -17.33
N VAL D 462 20.95 -20.86 -16.48
CA VAL D 462 20.71 -21.09 -15.06
C VAL D 462 19.43 -21.89 -14.89
N ASN D 463 18.38 -21.54 -15.63
CA ASN D 463 17.09 -22.23 -15.47
C ASN D 463 16.98 -23.46 -16.36
N GLN D 464 18.01 -24.31 -16.33
CA GLN D 464 17.88 -25.74 -16.67
C GLN D 464 18.79 -26.48 -15.71
N MET D 465 18.21 -26.91 -14.58
CA MET D 465 18.95 -27.64 -13.57
C MET D 465 18.08 -28.78 -13.03
N SER D 466 17.45 -29.51 -13.95
CA SER D 466 16.51 -30.56 -13.58
C SER D 466 17.22 -31.69 -12.83
N ALA D 467 16.42 -32.60 -12.28
CA ALA D 467 16.96 -33.73 -11.54
C ALA D 467 17.84 -34.60 -12.42
N GLU D 468 17.42 -34.87 -13.66
CA GLU D 468 18.23 -35.69 -14.56
C GLU D 468 19.54 -35.00 -14.90
N GLU D 469 19.50 -33.69 -15.15
CA GLU D 469 20.73 -32.96 -15.47
C GLU D 469 21.67 -32.94 -14.27
N THR D 470 21.13 -32.80 -13.06
CA THR D 470 21.94 -32.89 -11.86
C THR D 470 22.53 -34.28 -11.69
N LYS D 471 21.76 -35.32 -12.03
CA LYS D 471 22.23 -36.69 -11.85
C LYS D 471 23.29 -37.07 -12.88
N HIS D 472 23.26 -36.44 -14.05
CA HIS D 472 24.17 -36.85 -15.13
C HIS D 472 25.63 -36.66 -14.73
N LEU D 473 26.00 -35.47 -14.28
CA LEU D 473 27.39 -35.25 -13.90
C LEU D 473 27.75 -35.96 -12.61
N ILE D 474 26.78 -36.18 -11.72
CA ILE D 474 27.03 -36.97 -10.53
C ILE D 474 27.41 -38.40 -10.90
N LEU D 475 26.68 -39.01 -11.83
CA LEU D 475 27.03 -40.34 -12.30
C LEU D 475 28.37 -40.31 -13.04
N ASP D 476 28.62 -39.24 -13.80
CA ASP D 476 29.91 -39.09 -14.46
C ASP D 476 31.07 -38.98 -13.47
N ARG D 477 30.78 -38.57 -12.23
CA ARG D 477 31.79 -38.50 -11.19
C ARG D 477 31.98 -39.84 -10.46
N GLY D 478 31.57 -40.94 -11.08
CA GLY D 478 31.76 -42.26 -10.50
C GLY D 478 30.72 -42.71 -9.51
N VAL D 479 29.65 -41.94 -9.31
CA VAL D 479 28.59 -42.31 -8.39
C VAL D 479 27.61 -43.21 -9.11
N SER D 480 27.19 -44.28 -8.44
CA SER D 480 26.23 -45.22 -9.02
C SER D 480 24.82 -44.64 -8.95
N GLY D 481 23.98 -45.05 -9.90
CA GLY D 481 22.61 -44.60 -9.97
C GLY D 481 21.64 -45.33 -9.08
N ASP D 482 22.09 -46.34 -8.34
CA ASP D 482 21.23 -47.10 -7.45
C ASP D 482 20.98 -46.39 -6.12
N LEU D 483 21.41 -45.15 -5.99
CA LEU D 483 21.18 -44.39 -4.76
C LEU D 483 19.69 -44.11 -4.58
N PRO D 484 19.23 -44.02 -3.34
CA PRO D 484 17.83 -43.66 -3.10
C PRO D 484 17.58 -42.19 -3.42
N TRP D 485 17.36 -41.90 -4.71
CA TRP D 485 17.22 -40.52 -5.13
C TRP D 485 16.05 -39.84 -4.46
N GLU D 486 14.99 -40.61 -4.16
CA GLU D 486 13.83 -40.04 -3.48
C GLU D 486 14.14 -39.67 -2.03
N LYS D 487 15.14 -40.30 -1.41
CA LYS D 487 15.27 -40.27 0.04
C LYS D 487 16.24 -39.23 0.59
N MET D 488 16.86 -38.39 -0.24
CA MET D 488 17.77 -37.39 0.31
C MET D 488 17.02 -36.30 1.08
N THR D 489 17.71 -35.72 2.05
CA THR D 489 17.36 -34.45 2.67
C THR D 489 18.56 -33.52 2.52
N SER D 490 18.42 -32.28 2.99
CA SER D 490 19.52 -31.33 2.90
C SER D 490 20.69 -31.74 3.79
N ASN D 491 20.49 -32.68 4.72
CA ASN D 491 21.53 -33.11 5.64
C ASN D 491 22.18 -34.42 5.24
N THR D 492 21.60 -35.17 4.30
CA THR D 492 22.13 -36.47 3.92
C THR D 492 23.44 -36.32 3.14
N THR D 493 24.28 -37.35 3.25
CA THR D 493 25.56 -37.42 2.57
C THR D 493 25.74 -38.76 1.86
N PHE D 494 24.66 -39.30 1.29
CA PHE D 494 24.75 -40.61 0.66
C PHE D 494 25.64 -40.59 -0.57
N ILE D 495 25.67 -39.47 -1.31
CA ILE D 495 26.60 -39.36 -2.43
C ILE D 495 28.03 -39.38 -1.94
N SER D 496 28.33 -38.62 -0.89
CA SER D 496 29.67 -38.60 -0.33
C SER D 496 30.05 -39.96 0.25
N ASP D 497 29.10 -40.62 0.93
CA ASP D 497 29.37 -41.95 1.47
C ASP D 497 29.65 -42.94 0.35
N HIS D 498 28.88 -42.88 -0.74
CA HIS D 498 29.12 -43.76 -1.88
C HIS D 498 30.49 -43.50 -2.50
N LEU D 499 30.87 -42.22 -2.64
CA LEU D 499 32.18 -41.89 -3.20
C LEU D 499 33.29 -42.40 -2.31
N LEU D 500 33.13 -42.26 -0.98
CA LEU D 500 34.16 -42.74 -0.06
C LEU D 500 34.26 -44.26 -0.08
N ALA D 501 33.12 -44.94 -0.20
CA ALA D 501 33.14 -46.40 -0.28
C ALA D 501 33.85 -46.89 -1.54
N LYS D 502 33.86 -46.08 -2.59
CA LYS D 502 34.56 -46.41 -3.82
C LYS D 502 36.01 -45.95 -3.81
N GLY D 503 36.48 -45.36 -2.71
CA GLY D 503 37.84 -44.87 -2.62
C GLY D 503 38.05 -43.49 -3.18
N VAL D 504 36.98 -42.79 -3.56
CA VAL D 504 37.09 -41.44 -4.14
C VAL D 504 37.04 -40.47 -2.98
N THR D 505 38.21 -40.20 -2.39
CA THR D 505 38.31 -39.30 -1.25
C THR D 505 38.64 -37.86 -1.67
N ASP D 506 39.33 -37.68 -2.79
CA ASP D 506 39.70 -36.34 -3.23
C ASP D 506 38.48 -35.50 -3.58
N GLN D 507 37.49 -36.11 -4.24
CA GLN D 507 36.31 -35.36 -4.66
C GLN D 507 35.43 -34.94 -3.48
N VAL D 508 35.38 -35.74 -2.42
CA VAL D 508 34.57 -35.40 -1.25
C VAL D 508 35.27 -34.32 -0.44
N PHE D 509 34.89 -33.07 -0.67
CA PHE D 509 35.50 -31.96 0.06
C PHE D 509 34.94 -31.87 1.46
N PHE D 510 35.81 -31.61 2.43
CA PHE D 510 35.42 -31.54 3.83
C PHE D 510 35.45 -30.09 4.30
N GLU D 511 34.38 -29.64 4.93
CA GLU D 511 34.24 -28.27 5.39
C GLU D 511 34.40 -28.22 6.90
N LYS D 512 35.27 -27.33 7.37
CA LYS D 512 35.50 -27.13 8.80
C LYS D 512 34.44 -26.17 9.33
N LYS D 513 33.58 -26.67 10.21
CA LYS D 513 32.47 -25.89 10.74
C LYS D 513 32.73 -25.56 12.21
N SER D 514 32.63 -24.28 12.55
CA SER D 514 32.79 -23.85 13.93
C SER D 514 31.63 -24.35 14.78
N LYS D 515 31.94 -24.76 16.01
CA LYS D 515 30.93 -25.32 16.90
C LYS D 515 30.27 -24.24 17.76
N GLY D 516 29.78 -23.20 17.11
CA GLY D 516 29.10 -22.12 17.83
C GLY D 516 30.00 -21.48 18.87
N LYS D 517 29.47 -21.35 20.09
CA LYS D 517 30.25 -20.77 21.18
C LYS D 517 31.39 -21.68 21.62
N LYS D 518 31.32 -22.97 21.31
CA LYS D 518 32.33 -23.92 21.73
C LYS D 518 33.54 -23.83 20.81
N LYS D 519 34.73 -23.74 21.40
CA LYS D 519 35.96 -23.64 20.62
C LYS D 519 36.22 -24.95 19.89
N GLY D 520 36.63 -24.85 18.63
CA GLY D 520 36.94 -26.02 17.83
C GLY D 520 36.16 -26.04 16.53
N THR D 521 36.73 -26.68 15.52
CA THR D 521 36.11 -26.83 14.21
C THR D 521 35.78 -28.28 13.95
N GLU D 522 34.63 -28.52 13.33
CA GLU D 522 34.14 -29.86 13.05
C GLU D 522 34.31 -30.18 11.57
N THR D 523 34.93 -31.33 11.28
CA THR D 523 35.12 -31.79 9.90
C THR D 523 33.96 -32.70 9.55
N VAL D 524 33.19 -32.33 8.52
CA VAL D 524 31.99 -33.05 8.12
C VAL D 524 32.05 -33.30 6.63
N LYS D 525 31.55 -34.46 6.21
CA LYS D 525 31.41 -34.75 4.78
C LYS D 525 30.47 -33.75 4.13
N ARG D 526 30.74 -33.43 2.87
CA ARG D 526 29.98 -32.39 2.20
C ARG D 526 28.54 -32.87 1.95
N LYS D 527 27.60 -31.98 2.23
CA LYS D 527 26.18 -32.30 2.08
C LYS D 527 25.84 -32.61 0.63
N ASP D 528 24.86 -33.51 0.45
CA ASP D 528 24.36 -33.77 -0.91
C ASP D 528 23.77 -32.51 -1.53
N TYR D 529 23.00 -31.74 -0.75
CA TYR D 529 22.52 -30.46 -1.24
C TYR D 529 23.68 -29.52 -1.52
N GLY D 530 24.78 -29.64 -0.75
CA GLY D 530 25.99 -28.92 -1.09
C GLY D 530 26.54 -29.31 -2.45
N TRP D 531 26.52 -30.61 -2.76
CA TRP D 531 26.87 -31.06 -4.10
C TRP D 531 25.92 -30.46 -5.13
N VAL D 532 24.65 -30.27 -4.76
CA VAL D 532 23.70 -29.62 -5.66
C VAL D 532 24.14 -28.19 -5.94
N LYS D 533 24.55 -27.45 -4.91
CA LYS D 533 25.12 -26.12 -5.16
C LYS D 533 26.36 -26.22 -6.05
N LEU D 534 27.17 -27.25 -5.87
CA LEU D 534 28.40 -27.36 -6.65
C LEU D 534 28.11 -27.48 -8.14
N LEU D 535 27.10 -28.27 -8.51
CA LEU D 535 26.84 -28.51 -9.93
C LEU D 535 26.29 -27.27 -10.62
N ARG D 536 25.54 -26.45 -9.88
CA ARG D 536 24.91 -25.27 -10.45
C ARG D 536 25.77 -24.01 -10.34
N PRO D 537 26.16 -23.41 -11.48
CA PRO D 537 26.76 -22.07 -11.49
C PRO D 537 25.72 -20.99 -11.26
N ARG D 538 26.14 -19.88 -10.67
CA ARG D 538 25.22 -18.80 -10.31
C ARG D 538 25.45 -17.53 -11.12
N LEU D 539 24.80 -16.44 -10.70
CA LEU D 539 24.81 -15.20 -11.46
C LEU D 539 25.73 -14.15 -10.86
N SER D 540 26.57 -14.58 -9.91
CA SER D 540 27.69 -13.77 -9.41
C SER D 540 27.26 -12.38 -8.96
N GLN D 541 26.02 -12.33 -8.45
CA GLN D 541 25.35 -11.12 -7.96
C GLN D 541 25.66 -9.85 -8.75
N GLU D 542 25.76 -10.02 -10.07
CA GLU D 542 25.76 -8.91 -11.01
C GLU D 542 24.55 -8.97 -11.96
N THR D 543 24.24 -10.17 -12.47
CA THR D 543 23.06 -10.37 -13.29
C THR D 543 21.79 -10.33 -12.44
N ARG D 544 21.91 -10.80 -11.21
CA ARG D 544 20.79 -10.80 -10.26
C ARG D 544 20.27 -9.39 -9.98
N LYS D 545 21.20 -8.45 -9.88
CA LYS D 545 20.88 -7.04 -9.76
C LYS D 545 20.05 -6.61 -10.96
N ALA D 546 20.57 -6.90 -12.15
CA ALA D 546 19.92 -6.47 -13.39
C ALA D 546 18.51 -7.02 -13.50
N VAL D 547 18.32 -8.31 -13.18
CA VAL D 547 16.99 -8.89 -13.31
C VAL D 547 16.05 -8.32 -12.25
N ASN D 548 16.58 -7.98 -11.08
CA ASN D 548 15.76 -7.35 -10.06
C ASN D 548 15.25 -5.98 -10.52
N ASP D 549 16.17 -5.14 -11.02
CA ASP D 549 15.76 -3.83 -11.51
C ASP D 549 14.81 -3.96 -12.71
N LYS D 550 15.01 -5.00 -13.52
CA LYS D 550 14.15 -5.16 -14.68
C LYS D 550 12.76 -5.65 -14.30
N THR D 551 12.66 -6.51 -13.29
CA THR D 551 11.34 -6.99 -12.87
C THR D 551 10.60 -5.93 -12.07
N TRP D 552 11.29 -5.07 -11.31
CA TRP D 552 10.58 -4.01 -10.61
C TRP D 552 9.87 -3.08 -11.59
N GLU D 553 10.53 -2.71 -12.69
CA GLU D 553 9.95 -1.78 -13.64
C GLU D 553 8.70 -2.36 -14.30
N LEU D 554 8.83 -3.58 -14.83
CA LEU D 554 7.67 -4.21 -15.46
C LEU D 554 6.58 -4.55 -14.45
N LYS D 555 6.94 -4.74 -13.19
CA LYS D 555 5.96 -4.95 -12.14
C LYS D 555 5.17 -3.68 -11.85
N ARG D 556 5.83 -2.53 -11.91
CA ARG D 556 5.13 -1.25 -11.81
C ARG D 556 4.25 -1.05 -13.03
N ALA D 557 4.75 -1.47 -14.19
CA ALA D 557 4.16 -1.09 -15.47
C ALA D 557 2.92 -1.88 -15.83
N SER D 558 2.83 -3.14 -15.42
CA SER D 558 1.67 -3.96 -15.73
C SER D 558 0.48 -3.53 -14.87
N THR D 559 -0.68 -3.34 -15.50
CA THR D 559 -1.86 -2.89 -14.78
C THR D 559 -2.47 -3.98 -13.93
N GLU D 560 -2.08 -5.24 -14.12
CA GLU D 560 -2.59 -6.31 -13.29
C GLU D 560 -1.91 -6.36 -11.93
N TYR D 561 -0.61 -6.03 -11.86
CA TYR D 561 0.09 -6.19 -10.59
C TYR D 561 -0.45 -5.24 -9.53
N VAL D 562 -0.76 -4.00 -9.92
CA VAL D 562 -1.35 -3.08 -8.97
C VAL D 562 -2.74 -3.56 -8.55
N ARG D 563 -3.50 -4.13 -9.49
CA ARG D 563 -4.83 -4.61 -9.15
C ARG D 563 -4.78 -5.74 -8.13
N LEU D 564 -3.88 -6.70 -8.31
CA LEU D 564 -3.77 -7.76 -7.31
C LEU D 564 -3.07 -7.30 -6.03
N SER D 565 -2.24 -6.26 -6.08
CA SER D 565 -1.76 -5.67 -4.83
C SER D 565 -2.90 -5.06 -4.02
N ARG D 566 -3.78 -4.30 -4.70
CA ARG D 566 -4.96 -3.76 -4.03
C ARG D 566 -5.84 -4.89 -3.52
N ARG D 567 -5.94 -5.97 -4.28
CA ARG D 567 -6.79 -7.09 -3.87
C ARG D 567 -6.23 -7.78 -2.63
N LYS D 568 -4.89 -7.94 -2.56
CA LYS D 568 -4.28 -8.47 -1.35
C LYS D 568 -4.53 -7.57 -0.15
N THR D 569 -4.38 -6.26 -0.34
CA THR D 569 -4.65 -5.33 0.75
C THR D 569 -6.10 -5.44 1.21
N GLU D 570 -7.03 -5.52 0.27
CA GLU D 570 -8.45 -5.62 0.62
C GLU D 570 -8.76 -6.92 1.34
N LEU D 571 -8.16 -8.03 0.90
CA LEU D 571 -8.39 -9.30 1.58
C LEU D 571 -7.82 -9.30 2.98
N ALA D 572 -6.63 -8.71 3.16
CA ALA D 572 -6.06 -8.60 4.50
C ALA D 572 -6.95 -7.74 5.40
N ARG D 573 -7.50 -6.65 4.84
CA ARG D 573 -8.41 -5.82 5.62
C ARG D 573 -9.69 -6.55 5.95
N ARG D 574 -10.17 -7.41 5.05
CA ARG D 574 -11.33 -8.26 5.35
C ARG D 574 -11.04 -9.18 6.52
N CYS D 575 -9.86 -9.81 6.52
CA CYS D 575 -9.49 -10.67 7.64
C CYS D 575 -9.45 -9.90 8.94
N VAL D 576 -8.83 -8.72 8.92
CA VAL D 576 -8.71 -7.92 10.14
C VAL D 576 -10.07 -7.46 10.63
N ASN D 577 -10.95 -7.06 9.71
CA ASN D 577 -12.30 -6.65 10.09
C ASN D 577 -13.09 -7.81 10.69
N TYR D 578 -12.98 -9.01 10.11
CA TYR D 578 -13.67 -10.15 10.66
C TYR D 578 -13.17 -10.46 12.07
N ILE D 579 -11.85 -10.41 12.26
CA ILE D 579 -11.29 -10.68 13.59
C ILE D 579 -11.74 -9.60 14.59
N VAL D 580 -11.81 -8.35 14.16
CA VAL D 580 -12.23 -7.28 15.07
C VAL D 580 -13.68 -7.46 15.48
N ARG D 581 -14.56 -7.77 14.53
CA ARG D 581 -15.95 -8.01 14.87
C ARG D 581 -16.12 -9.21 15.78
N GLU D 582 -15.39 -10.30 15.51
CA GLU D 582 -15.48 -11.47 16.38
C GLU D 582 -14.90 -11.19 17.76
N THR D 583 -13.89 -10.34 17.85
CA THR D 583 -13.36 -9.94 19.14
C THR D 583 -14.41 -9.17 19.93
N LYS D 584 -15.13 -8.26 19.26
CA LYS D 584 -16.20 -7.55 19.94
C LYS D 584 -17.32 -8.48 20.38
N ARG D 585 -17.70 -9.44 19.54
CA ARG D 585 -18.82 -10.31 19.88
C ARG D 585 -18.45 -11.32 20.95
N TRP D 586 -17.19 -11.75 20.99
CA TRP D 586 -16.74 -12.73 21.96
C TRP D 586 -16.38 -12.14 23.32
N THR D 587 -16.13 -10.83 23.39
CA THR D 587 -15.74 -10.20 24.63
C THR D 587 -16.81 -9.30 25.23
N GLN D 588 -17.81 -8.89 24.44
CA GLN D 588 -18.88 -8.02 24.92
C GLN D 588 -18.34 -6.72 25.49
N CYS D 589 -17.29 -6.19 24.86
CA CYS D 589 -16.66 -4.95 25.29
C CYS D 589 -16.44 -4.06 24.08
N GLU D 590 -16.83 -2.79 24.21
CA GLU D 590 -16.65 -1.86 23.09
C GLU D 590 -15.18 -1.50 22.90
N ASP D 591 -14.43 -1.36 23.99
CA ASP D 591 -13.02 -1.04 23.92
C ASP D 591 -12.22 -2.34 23.85
N ILE D 592 -11.40 -2.49 22.82
CA ILE D 592 -10.59 -3.68 22.61
C ILE D 592 -9.14 -3.27 22.35
N ALA D 593 -8.26 -4.26 22.33
CA ALA D 593 -6.84 -4.05 22.02
C ALA D 593 -6.31 -5.26 21.29
N ILE D 594 -5.36 -5.05 20.39
CA ILE D 594 -4.83 -6.11 19.55
C ILE D 594 -3.41 -6.40 20.01
N VAL D 595 -3.22 -7.55 20.64
CA VAL D 595 -1.88 -7.97 21.10
C VAL D 595 -1.32 -8.94 20.06
N ILE D 596 -0.66 -8.38 19.06
CA ILE D 596 0.02 -9.19 18.07
C ILE D 596 1.40 -9.57 18.61
N GLU D 597 1.84 -10.80 18.31
CA GLU D 597 3.12 -11.30 18.79
C GLU D 597 4.16 -11.05 17.69
N ASP D 598 4.47 -9.77 17.49
CA ASP D 598 5.46 -9.32 16.52
C ASP D 598 5.25 -9.92 15.14
N ASP D 612 6.13 -31.19 0.08
CA ASP D 612 6.91 -32.38 0.38
C ASP D 612 7.40 -33.05 -0.89
N GLY D 613 8.47 -33.83 -0.78
CA GLY D 613 9.05 -34.50 -1.94
C GLY D 613 10.48 -34.05 -2.19
N TRP D 614 11.32 -34.97 -2.69
CA TRP D 614 12.70 -34.64 -2.96
C TRP D 614 12.83 -33.64 -4.11
N ASP D 615 12.07 -33.88 -5.20
CA ASP D 615 12.16 -32.97 -6.34
C ASP D 615 11.60 -31.59 -6.03
N ASN D 616 10.67 -31.51 -5.09
CA ASN D 616 10.13 -30.21 -4.68
C ASN D 616 11.16 -29.33 -3.99
N PHE D 617 12.28 -29.90 -3.52
CA PHE D 617 13.34 -29.11 -2.92
C PHE D 617 14.12 -28.32 -3.96
N PHE D 618 14.05 -28.71 -5.23
CA PHE D 618 14.73 -27.95 -6.28
C PHE D 618 14.03 -26.63 -6.56
N ILE D 619 12.71 -26.58 -6.43
CA ILE D 619 11.95 -25.38 -6.73
C ILE D 619 11.73 -24.57 -5.45
N SER D 620 11.45 -23.29 -5.62
CA SER D 620 11.20 -22.42 -4.49
C SER D 620 9.86 -22.74 -3.85
N LYS D 621 9.72 -22.37 -2.58
CA LYS D 621 8.49 -22.64 -1.85
C LYS D 621 7.36 -21.76 -2.39
N ARG D 622 6.28 -22.40 -2.86
CA ARG D 622 5.17 -21.63 -3.44
C ARG D 622 4.41 -20.88 -2.35
N GLU D 623 4.11 -21.54 -1.24
CA GLU D 623 3.36 -20.93 -0.14
C GLU D 623 4.14 -21.20 1.16
N ASN D 624 5.06 -20.30 1.49
CA ASN D 624 5.82 -20.37 2.73
C ASN D 624 5.53 -19.19 3.65
N ARG D 625 5.71 -17.96 3.15
CA ARG D 625 5.46 -16.75 3.94
C ARG D 625 5.00 -15.67 2.96
N TRP D 626 3.68 -15.57 2.79
CA TRP D 626 3.11 -14.62 1.84
C TRP D 626 2.17 -13.64 2.53
N PHE D 627 1.16 -14.13 3.26
CA PHE D 627 0.19 -13.23 3.86
C PHE D 627 0.69 -12.67 5.18
N ILE D 628 1.84 -13.13 5.67
CA ILE D 628 2.31 -12.76 7.00
C ILE D 628 2.48 -11.25 7.09
N GLN D 629 3.24 -10.69 6.15
CA GLN D 629 3.59 -9.27 6.20
C GLN D 629 2.38 -8.39 5.93
N VAL D 630 1.53 -8.79 4.97
CA VAL D 630 0.38 -7.95 4.65
C VAL D 630 -0.64 -7.96 5.78
N LEU D 631 -0.83 -9.11 6.42
CA LEU D 631 -1.72 -9.14 7.59
C LEU D 631 -1.13 -8.33 8.74
N HIS D 632 0.18 -8.39 8.93
CA HIS D 632 0.81 -7.59 9.98
C HIS D 632 0.62 -6.10 9.72
N LYS D 633 0.80 -5.68 8.46
CA LYS D 633 0.59 -4.28 8.11
C LYS D 633 -0.86 -3.88 8.30
N ALA D 634 -1.80 -4.75 7.92
CA ALA D 634 -3.21 -4.44 8.09
C ALA D 634 -3.59 -4.31 9.56
N PHE D 635 -3.02 -5.16 10.41
CA PHE D 635 -3.29 -5.05 11.84
C PHE D 635 -2.64 -3.82 12.46
N SER D 636 -1.43 -3.48 12.01
CA SER D 636 -0.79 -2.26 12.48
C SER D 636 -1.49 -1.00 11.98
N ASP D 637 -2.22 -1.09 10.87
CA ASP D 637 -2.96 0.04 10.34
C ASP D 637 -4.16 0.43 11.21
N LEU D 638 -4.64 -0.46 12.07
CA LEU D 638 -5.76 -0.11 12.94
C LEU D 638 -5.39 1.03 13.88
N ALA D 639 -4.12 1.11 14.28
CA ALA D 639 -3.67 2.27 15.06
C ALA D 639 -3.71 3.54 14.24
N LEU D 640 -3.41 3.44 12.93
CA LEU D 640 -3.34 4.61 12.08
C LEU D 640 -4.70 5.05 11.54
N HIS D 641 -5.55 4.11 11.13
CA HIS D 641 -6.80 4.47 10.48
C HIS D 641 -8.00 4.46 11.40
N ARG D 642 -8.02 3.60 12.42
CA ARG D 642 -9.22 3.41 13.22
C ARG D 642 -9.00 3.55 14.71
N GLY D 643 -7.79 3.91 15.15
CA GLY D 643 -7.56 4.22 16.55
C GLY D 643 -7.49 3.03 17.48
N LEU D 644 -7.50 1.81 16.95
CA LEU D 644 -7.45 0.63 17.81
C LEU D 644 -6.03 0.44 18.34
N PRO D 645 -5.87 0.30 19.66
CA PRO D 645 -4.53 0.04 20.19
C PRO D 645 -3.96 -1.28 19.68
N VAL D 646 -2.66 -1.27 19.40
CA VAL D 646 -1.95 -2.44 18.90
C VAL D 646 -0.74 -2.66 19.79
N ILE D 647 -0.71 -3.80 20.49
CA ILE D 647 0.39 -4.16 21.38
C ILE D 647 1.29 -5.11 20.61
N GLU D 648 2.33 -4.55 19.98
CA GLU D 648 3.29 -5.39 19.28
C GLU D 648 4.24 -6.01 20.28
N ALA D 649 4.13 -7.32 20.47
CA ALA D 649 4.96 -8.02 21.45
C ALA D 649 5.30 -9.43 20.96
#